data_1UK9
#
_entry.id   1UK9
#
_cell.length_a   77.383
_cell.length_b   116.134
_cell.length_c   78.612
_cell.angle_alpha   90.00
_cell.angle_beta   90.00
_cell.angle_gamma   90.00
#
_symmetry.space_group_name_H-M   'C 2 2 21'
#
loop_
_entity.id
_entity.type
_entity.pdbx_description
1 polymer '2-hydroxy-6-oxo-7-methylocta-2,4-dienoate hydrolase'
2 non-polymer 'ISOVALERIC ACID'
3 water water
#
_entity_poly.entity_id   1
_entity_poly.type   'polypeptide(L)'
_entity_poly.pdbx_seq_one_letter_code
;MANLEIGKSILAAGVLTNYHDVGEGQPVILIHGSGPGVSAYANWRLTIPALSKFYRVIAPDMVGFGFTDRPENYNYSKDS
WVDHIIGIMDALEIEKAHIVGNAFGGGLAIATALRYSERVDRMVLMGAAGTRFDVTEGLNAVWGYTPSIENMRNLLDIFA
YDRSLVTDELARLRYEASIQPGFQESFSSMFPEPRQRWIDALASSDEDIKTLPNETLIIHGREDQVVPLSSSLRLGELID
RAQLHVFGRCGHWTQIEQTDRFNRLVVEFFNEANTPKLVGRP
;
_entity_poly.pdbx_strand_id   A
#
loop_
_chem_comp.id
_chem_comp.type
_chem_comp.name
_chem_comp.formula
IVA non-polymer 'ISOVALERIC ACID' 'C5 H10 O2'
#
# COMPACT_ATOMS: atom_id res chain seq x y z
N ASN A 3 -0.16 -9.70 -19.87
CA ASN A 3 -0.22 -8.63 -18.83
C ASN A 3 0.46 -9.13 -17.56
N LEU A 4 1.65 -8.60 -17.28
CA LEU A 4 2.41 -9.01 -16.10
C LEU A 4 1.71 -8.68 -14.78
N GLU A 5 0.68 -7.84 -14.83
CA GLU A 5 -0.04 -7.48 -13.61
C GLU A 5 -0.94 -8.62 -13.18
N ILE A 6 -1.21 -9.55 -14.10
CA ILE A 6 -2.03 -10.70 -13.80
C ILE A 6 -1.08 -11.80 -13.32
N GLY A 7 -1.30 -12.30 -12.11
CA GLY A 7 -0.44 -13.34 -11.58
C GLY A 7 -1.16 -14.65 -11.36
N LYS A 8 -1.18 -15.12 -10.12
CA LYS A 8 -1.83 -16.37 -9.75
C LYS A 8 -3.20 -16.04 -9.16
N SER A 9 -4.06 -17.05 -9.05
CA SER A 9 -5.40 -16.83 -8.50
C SER A 9 -5.69 -17.77 -7.35
N ILE A 10 -6.34 -17.24 -6.31
CA ILE A 10 -6.70 -18.05 -5.16
C ILE A 10 -7.92 -17.49 -4.44
N LEU A 11 -8.73 -18.37 -3.88
CA LEU A 11 -9.91 -17.93 -3.17
C LEU A 11 -9.44 -17.51 -1.77
N ALA A 12 -9.71 -16.26 -1.41
CA ALA A 12 -9.31 -15.74 -0.11
C ALA A 12 -10.45 -14.93 0.48
N ALA A 13 -10.89 -15.31 1.68
CA ALA A 13 -11.99 -14.62 2.35
C ALA A 13 -13.21 -14.62 1.41
N GLY A 14 -13.33 -15.67 0.61
CA GLY A 14 -14.47 -15.78 -0.30
C GLY A 14 -14.36 -14.98 -1.60
N VAL A 15 -13.23 -14.32 -1.80
CA VAL A 15 -13.03 -13.51 -3.00
C VAL A 15 -11.91 -14.07 -3.87
N LEU A 16 -12.19 -14.26 -5.16
CA LEU A 16 -11.17 -14.78 -6.07
C LEU A 16 -10.11 -13.68 -6.14
N THR A 17 -8.91 -13.99 -5.68
CA THR A 17 -7.83 -13.00 -5.59
C THR A 17 -6.63 -13.17 -6.52
N ASN A 18 -6.23 -12.07 -7.15
CA ASN A 18 -5.06 -12.08 -8.02
C ASN A 18 -3.87 -11.76 -7.12
N TYR A 19 -2.80 -12.54 -7.25
CA TYR A 19 -1.63 -12.28 -6.42
C TYR A 19 -0.34 -12.81 -7.01
N HIS A 20 0.78 -12.37 -6.43
CA HIS A 20 2.09 -12.79 -6.87
C HIS A 20 2.74 -13.47 -5.67
N ASP A 21 3.48 -14.54 -5.94
CA ASP A 21 4.11 -15.33 -4.91
C ASP A 21 5.49 -15.73 -5.44
N VAL A 22 6.53 -15.09 -4.94
CA VAL A 22 7.89 -15.35 -5.40
C VAL A 22 8.86 -15.50 -4.22
N GLY A 23 9.76 -16.47 -4.31
CA GLY A 23 10.73 -16.68 -3.25
C GLY A 23 10.37 -17.77 -2.26
N GLU A 24 11.29 -18.05 -1.35
CA GLU A 24 11.08 -19.07 -0.32
C GLU A 24 11.58 -18.58 1.04
N GLY A 25 11.07 -19.18 2.11
CA GLY A 25 11.50 -18.80 3.44
C GLY A 25 10.49 -17.99 4.22
N GLN A 26 10.99 -17.07 5.05
CA GLN A 26 10.14 -16.21 5.86
C GLN A 26 9.17 -15.45 4.97
N PRO A 27 7.87 -15.55 5.26
CA PRO A 27 6.87 -14.86 4.45
C PRO A 27 6.80 -13.35 4.70
N VAL A 28 6.62 -12.60 3.63
CA VAL A 28 6.51 -11.16 3.67
C VAL A 28 5.32 -10.78 2.79
N ILE A 29 4.36 -10.06 3.36
CA ILE A 29 3.19 -9.64 2.59
C ILE A 29 3.36 -8.18 2.17
N LEU A 30 3.25 -7.91 0.88
CA LEU A 30 3.38 -6.54 0.37
C LEU A 30 1.97 -6.05 0.06
N ILE A 31 1.59 -4.91 0.64
CA ILE A 31 0.25 -4.34 0.42
C ILE A 31 0.35 -3.00 -0.29
N HIS A 32 -0.16 -2.96 -1.51
CA HIS A 32 -0.11 -1.75 -2.34
C HIS A 32 -0.94 -0.58 -1.83
N GLY A 33 -0.68 0.59 -2.42
CA GLY A 33 -1.40 1.78 -2.03
C GLY A 33 -2.69 1.90 -2.82
N SER A 34 -3.39 3.01 -2.66
CA SER A 34 -4.63 3.22 -3.38
C SER A 34 -4.37 4.26 -4.46
N GLY A 35 -5.18 4.23 -5.49
CA GLY A 35 -5.01 5.16 -6.59
C GLY A 35 -5.59 4.46 -7.80
N PRO A 36 -6.01 5.23 -8.82
CA PRO A 36 -6.59 4.66 -10.03
C PRO A 36 -5.63 3.77 -10.81
N GLY A 37 -6.05 2.54 -11.07
CA GLY A 37 -5.23 1.61 -11.82
C GLY A 37 -4.16 0.89 -11.01
N VAL A 38 -4.08 1.19 -9.72
CA VAL A 38 -3.06 0.57 -8.89
C VAL A 38 -3.27 -0.94 -8.76
N SER A 39 -2.16 -1.67 -8.69
CA SER A 39 -2.20 -3.11 -8.52
C SER A 39 -0.94 -3.50 -7.78
N ALA A 40 -0.89 -4.74 -7.29
CA ALA A 40 0.27 -5.21 -6.57
C ALA A 40 1.52 -5.19 -7.45
N TYR A 41 1.38 -5.62 -8.70
CA TYR A 41 2.53 -5.64 -9.60
C TYR A 41 3.04 -4.24 -9.91
N ALA A 42 2.12 -3.33 -10.22
CA ALA A 42 2.48 -1.96 -10.54
C ALA A 42 3.27 -1.33 -9.40
N ASN A 43 2.81 -1.57 -8.18
CA ASN A 43 3.46 -1.02 -6.98
C ASN A 43 4.76 -1.70 -6.56
N TRP A 44 4.83 -3.03 -6.71
CA TRP A 44 5.99 -3.76 -6.25
C TRP A 44 6.94 -4.41 -7.24
N ARG A 45 6.73 -4.18 -8.54
CA ARG A 45 7.57 -4.79 -9.56
C ARG A 45 9.07 -4.61 -9.35
N LEU A 46 9.48 -3.50 -8.74
CA LEU A 46 10.90 -3.24 -8.51
C LEU A 46 11.37 -3.69 -7.13
N THR A 47 10.43 -4.18 -6.32
CA THR A 47 10.72 -4.63 -4.96
C THR A 47 10.79 -6.15 -4.82
N ILE A 48 9.86 -6.84 -5.46
CA ILE A 48 9.80 -8.29 -5.39
C ILE A 48 11.10 -9.00 -5.77
N PRO A 49 11.74 -8.61 -6.88
CA PRO A 49 13.00 -9.25 -7.30
C PRO A 49 14.07 -9.22 -6.21
N ALA A 50 14.21 -8.07 -5.55
CA ALA A 50 15.20 -7.91 -4.50
C ALA A 50 14.87 -8.71 -3.24
N LEU A 51 13.66 -8.52 -2.72
CA LEU A 51 13.25 -9.23 -1.51
C LEU A 51 13.10 -10.74 -1.66
N SER A 52 12.62 -11.19 -2.81
CA SER A 52 12.41 -12.62 -3.05
C SER A 52 13.69 -13.45 -3.06
N LYS A 53 14.83 -12.77 -3.04
CA LYS A 53 16.11 -13.48 -3.02
C LYS A 53 16.36 -14.01 -1.62
N PHE A 54 15.67 -13.45 -0.64
CA PHE A 54 15.86 -13.86 0.76
C PHE A 54 14.58 -14.20 1.51
N TYR A 55 13.43 -13.86 0.93
CA TYR A 55 12.14 -14.11 1.57
C TYR A 55 11.10 -14.63 0.59
N ARG A 56 9.99 -15.13 1.13
CA ARG A 56 8.89 -15.56 0.27
C ARG A 56 8.02 -14.31 0.21
N VAL A 57 7.91 -13.73 -0.97
CA VAL A 57 7.14 -12.50 -1.13
C VAL A 57 5.76 -12.71 -1.73
N ILE A 58 4.75 -12.27 -1.00
CA ILE A 58 3.38 -12.38 -1.45
C ILE A 58 2.78 -10.99 -1.63
N ALA A 59 2.35 -10.70 -2.85
CA ALA A 59 1.79 -9.39 -3.17
C ALA A 59 0.44 -9.55 -3.86
N PRO A 60 -0.66 -9.39 -3.09
CA PRO A 60 -2.01 -9.53 -3.64
C PRO A 60 -2.66 -8.21 -4.06
N ASP A 61 -3.62 -8.31 -4.97
CA ASP A 61 -4.37 -7.13 -5.38
C ASP A 61 -5.53 -7.09 -4.38
N MET A 62 -5.59 -6.04 -3.57
CA MET A 62 -6.66 -5.92 -2.58
C MET A 62 -8.02 -5.85 -3.28
N VAL A 63 -9.05 -6.40 -2.65
CA VAL A 63 -10.38 -6.38 -3.26
C VAL A 63 -10.78 -4.95 -3.63
N GLY A 64 -11.18 -4.76 -4.89
CA GLY A 64 -11.58 -3.45 -5.36
C GLY A 64 -10.51 -2.84 -6.25
N PHE A 65 -9.32 -3.43 -6.20
CA PHE A 65 -8.18 -2.97 -6.99
C PHE A 65 -7.62 -4.09 -7.86
N GLY A 66 -6.86 -3.70 -8.88
CA GLY A 66 -6.25 -4.66 -9.76
C GLY A 66 -7.18 -5.70 -10.38
N PHE A 67 -6.68 -6.93 -10.46
CA PHE A 67 -7.44 -8.02 -11.06
C PHE A 67 -8.13 -8.99 -10.12
N THR A 68 -8.30 -8.59 -8.87
CA THR A 68 -9.01 -9.43 -7.92
C THR A 68 -10.48 -9.21 -8.23
N ASP A 69 -11.33 -10.18 -7.94
CA ASP A 69 -12.74 -10.02 -8.21
C ASP A 69 -13.33 -8.83 -7.45
N ARG A 70 -14.30 -8.18 -8.07
CA ARG A 70 -14.98 -7.04 -7.46
C ARG A 70 -16.40 -7.52 -7.21
N PRO A 71 -16.66 -8.11 -6.02
CA PRO A 71 -17.98 -8.63 -5.64
C PRO A 71 -19.09 -7.61 -5.79
N GLU A 72 -20.24 -8.06 -6.28
CA GLU A 72 -21.38 -7.19 -6.44
C GLU A 72 -21.88 -6.75 -5.07
N ASN A 73 -22.19 -5.46 -4.93
CA ASN A 73 -22.67 -4.92 -3.67
C ASN A 73 -21.67 -5.11 -2.54
N TYR A 74 -20.40 -5.27 -2.90
CA TYR A 74 -19.36 -5.45 -1.90
C TYR A 74 -19.22 -4.14 -1.12
N ASN A 75 -18.96 -4.26 0.18
CA ASN A 75 -18.79 -3.09 1.03
C ASN A 75 -17.34 -2.88 1.39
N TYR A 76 -16.68 -1.95 0.70
CA TYR A 76 -15.28 -1.67 0.95
C TYR A 76 -15.12 -0.95 2.29
N SER A 77 -14.27 -1.50 3.14
CA SER A 77 -14.03 -0.92 4.46
C SER A 77 -12.68 -1.40 4.99
N LYS A 78 -12.15 -0.67 5.97
CA LYS A 78 -10.87 -1.03 6.57
C LYS A 78 -10.95 -2.47 7.09
N ASP A 79 -12.01 -2.76 7.84
CA ASP A 79 -12.19 -4.08 8.41
C ASP A 79 -12.33 -5.19 7.35
N SER A 80 -13.02 -4.90 6.26
CA SER A 80 -13.17 -5.88 5.19
C SER A 80 -11.84 -6.13 4.50
N TRP A 81 -11.05 -5.08 4.33
CA TRP A 81 -9.75 -5.25 3.69
C TRP A 81 -8.83 -6.05 4.61
N VAL A 82 -8.94 -5.82 5.91
CA VAL A 82 -8.12 -6.59 6.85
C VAL A 82 -8.54 -8.05 6.73
N ASP A 83 -9.85 -8.28 6.62
CA ASP A 83 -10.36 -9.64 6.47
C ASP A 83 -9.78 -10.28 5.22
N HIS A 84 -9.59 -9.48 4.17
CA HIS A 84 -9.03 -9.99 2.93
C HIS A 84 -7.58 -10.41 3.14
N ILE A 85 -6.80 -9.56 3.78
CA ILE A 85 -5.40 -9.87 4.06
C ILE A 85 -5.29 -11.17 4.85
N ILE A 86 -6.08 -11.29 5.91
CA ILE A 86 -6.05 -12.50 6.73
C ILE A 86 -6.51 -13.70 5.91
N GLY A 87 -7.51 -13.51 5.05
CA GLY A 87 -8.00 -14.59 4.23
C GLY A 87 -6.93 -15.09 3.28
N ILE A 88 -6.13 -14.18 2.76
CA ILE A 88 -5.04 -14.53 1.84
C ILE A 88 -3.99 -15.34 2.60
N MET A 89 -3.65 -14.87 3.80
CA MET A 89 -2.68 -15.58 4.62
C MET A 89 -3.20 -16.97 4.98
N ASP A 90 -4.47 -17.06 5.36
CA ASP A 90 -5.06 -18.36 5.71
C ASP A 90 -5.01 -19.30 4.50
N ALA A 91 -5.41 -18.78 3.34
CA ALA A 91 -5.43 -19.58 2.12
C ALA A 91 -4.07 -20.15 1.76
N LEU A 92 -3.01 -19.41 2.09
CA LEU A 92 -1.65 -19.84 1.78
C LEU A 92 -0.92 -20.48 2.96
N GLU A 93 -1.65 -20.74 4.04
CA GLU A 93 -1.09 -21.35 5.23
C GLU A 93 0.06 -20.53 5.80
N ILE A 94 -0.08 -19.21 5.74
CA ILE A 94 0.92 -18.31 6.29
C ILE A 94 0.43 -17.93 7.68
N GLU A 95 1.03 -18.55 8.69
CA GLU A 95 0.62 -18.34 10.07
C GLU A 95 1.08 -17.01 10.65
N LYS A 96 2.27 -16.58 10.25
CA LYS A 96 2.80 -15.31 10.74
C LYS A 96 3.69 -14.76 9.63
N ALA A 97 3.65 -13.45 9.43
CA ALA A 97 4.47 -12.85 8.38
C ALA A 97 4.78 -11.38 8.63
N HIS A 98 5.81 -10.90 7.95
CA HIS A 98 6.16 -9.48 8.05
C HIS A 98 5.20 -8.85 7.05
N ILE A 99 4.88 -7.58 7.23
CA ILE A 99 3.99 -6.91 6.31
C ILE A 99 4.57 -5.55 5.94
N VAL A 100 4.55 -5.26 4.65
CA VAL A 100 5.03 -3.99 4.12
C VAL A 100 3.77 -3.32 3.59
N GLY A 101 3.38 -2.21 4.21
CA GLY A 101 2.18 -1.51 3.78
C GLY A 101 2.48 -0.16 3.15
N ASN A 102 2.14 -0.02 1.87
CA ASN A 102 2.38 1.23 1.20
C ASN A 102 1.14 2.11 1.18
N ALA A 103 1.28 3.30 1.77
CA ALA A 103 0.20 4.28 1.82
C ALA A 103 -1.06 3.66 2.40
N PHE A 104 -2.10 3.56 1.58
CA PHE A 104 -3.37 2.96 1.98
C PHE A 104 -3.06 1.60 2.66
N GLY A 105 -2.16 0.85 2.03
CA GLY A 105 -1.78 -0.44 2.57
C GLY A 105 -1.14 -0.35 3.94
N GLY A 106 -0.55 0.80 4.24
CA GLY A 106 0.08 0.99 5.55
C GLY A 106 -0.99 1.06 6.62
N GLY A 107 -2.11 1.70 6.30
CA GLY A 107 -3.21 1.79 7.24
C GLY A 107 -3.75 0.40 7.50
N LEU A 108 -3.83 -0.40 6.45
CA LEU A 108 -4.34 -1.77 6.56
C LEU A 108 -3.40 -2.64 7.39
N ALA A 109 -2.10 -2.41 7.22
CA ALA A 109 -1.09 -3.18 7.96
C ALA A 109 -1.26 -2.91 9.46
N ILE A 110 -1.38 -1.65 9.82
CA ILE A 110 -1.57 -1.28 11.23
C ILE A 110 -2.84 -1.94 11.78
N ALA A 111 -3.92 -1.82 11.02
CA ALA A 111 -5.20 -2.40 11.43
C ALA A 111 -5.11 -3.93 11.57
N THR A 112 -4.32 -4.57 10.71
CA THR A 112 -4.18 -6.02 10.77
C THR A 112 -3.38 -6.41 12.01
N ALA A 113 -2.33 -5.65 12.30
CA ALA A 113 -1.48 -5.93 13.46
C ALA A 113 -2.26 -5.74 14.77
N LEU A 114 -3.27 -4.89 14.74
CA LEU A 114 -4.08 -4.63 15.94
C LEU A 114 -5.14 -5.70 16.18
N ARG A 115 -5.80 -6.15 15.11
CA ARG A 115 -6.84 -7.17 15.23
C ARG A 115 -6.28 -8.59 15.27
N TYR A 116 -5.14 -8.79 14.64
CA TYR A 116 -4.49 -10.10 14.55
C TYR A 116 -3.01 -10.00 14.89
N SER A 117 -2.71 -9.48 16.07
CA SER A 117 -1.33 -9.31 16.51
C SER A 117 -0.44 -10.53 16.34
N GLU A 118 -0.99 -11.71 16.63
CA GLU A 118 -0.19 -12.93 16.54
C GLU A 118 0.13 -13.35 15.11
N ARG A 119 -0.52 -12.75 14.12
CA ARG A 119 -0.29 -13.10 12.73
C ARG A 119 0.74 -12.16 12.09
N VAL A 120 1.08 -11.07 12.77
CA VAL A 120 2.02 -10.10 12.22
C VAL A 120 3.33 -10.04 12.99
N ASP A 121 4.44 -10.11 12.25
CA ASP A 121 5.76 -10.05 12.85
C ASP A 121 6.28 -8.61 12.77
N ARG A 122 7.15 -8.33 11.81
CA ARG A 122 7.67 -6.97 11.65
C ARG A 122 6.87 -6.20 10.61
N MET A 123 6.82 -4.88 10.75
CA MET A 123 6.09 -4.03 9.81
C MET A 123 6.92 -2.91 9.21
N VAL A 124 6.62 -2.59 7.95
CA VAL A 124 7.26 -1.49 7.25
C VAL A 124 6.07 -0.67 6.78
N LEU A 125 6.02 0.59 7.19
CA LEU A 125 4.90 1.46 6.83
C LEU A 125 5.44 2.62 6.00
N MET A 126 4.97 2.73 4.76
CA MET A 126 5.46 3.77 3.84
C MET A 126 4.42 4.85 3.50
N GLY A 127 4.75 6.13 3.76
CA GLY A 127 3.82 7.22 3.51
C GLY A 127 2.43 6.72 3.84
N ALA A 128 2.38 5.99 4.94
CA ALA A 128 1.19 5.30 5.41
C ALA A 128 -0.02 6.03 5.98
N ALA A 129 -1.17 5.43 5.72
CA ALA A 129 -2.42 5.90 6.28
C ALA A 129 -2.29 5.31 7.68
N GLY A 130 -3.14 5.73 8.61
CA GLY A 130 -3.02 5.22 9.96
C GLY A 130 -3.30 6.28 11.01
N THR A 131 -3.09 7.54 10.65
CA THR A 131 -3.36 8.66 11.55
C THR A 131 -4.33 9.60 10.85
N ARG A 132 -5.03 10.42 11.63
CA ARG A 132 -6.01 11.36 11.06
C ARG A 132 -5.45 12.69 10.57
N PHE A 133 -4.64 12.66 9.52
CA PHE A 133 -4.07 13.89 9.00
C PHE A 133 -5.11 14.63 8.17
N ASP A 134 -4.97 15.95 8.05
CA ASP A 134 -5.91 16.74 7.26
C ASP A 134 -5.77 16.43 5.79
N VAL A 135 -6.90 16.20 5.11
CA VAL A 135 -6.87 15.89 3.69
C VAL A 135 -6.05 16.91 2.91
N THR A 136 -5.23 16.42 2.00
CA THR A 136 -4.36 17.24 1.18
C THR A 136 -4.95 17.36 -0.24
N GLU A 137 -4.54 18.39 -0.98
CA GLU A 137 -5.06 18.53 -2.34
C GLU A 137 -4.56 17.35 -3.17
N GLY A 138 -3.37 16.86 -2.83
CA GLY A 138 -2.81 15.73 -3.55
C GLY A 138 -3.69 14.51 -3.38
N LEU A 139 -4.12 14.24 -2.16
CA LEU A 139 -4.97 13.09 -1.91
C LEU A 139 -6.34 13.27 -2.54
N ASN A 140 -6.90 14.48 -2.45
CA ASN A 140 -8.21 14.68 -3.04
C ASN A 140 -8.15 14.52 -4.56
N ALA A 141 -7.00 14.84 -5.15
CA ALA A 141 -6.84 14.69 -6.58
C ALA A 141 -6.75 13.21 -6.96
N VAL A 142 -5.99 12.45 -6.17
CA VAL A 142 -5.84 11.02 -6.42
C VAL A 142 -7.17 10.28 -6.25
N TRP A 143 -7.83 10.45 -5.10
CA TRP A 143 -9.10 9.78 -4.87
C TRP A 143 -10.24 10.32 -5.75
N GLY A 144 -10.12 11.57 -6.18
CA GLY A 144 -11.16 12.17 -7.01
C GLY A 144 -10.87 12.07 -8.50
N TYR A 145 -9.91 11.25 -8.85
CA TYR A 145 -9.53 11.07 -10.25
C TYR A 145 -10.65 10.57 -11.16
N THR A 146 -10.68 11.11 -12.37
CA THR A 146 -11.61 10.68 -13.42
C THR A 146 -10.62 10.51 -14.58
N PRO A 147 -10.79 9.46 -15.40
CA PRO A 147 -9.91 9.15 -16.53
C PRO A 147 -9.62 10.19 -17.62
N SER A 148 -8.34 10.33 -17.92
CA SER A 148 -7.81 11.20 -18.98
C SER A 148 -6.29 11.17 -18.84
N ILE A 149 -5.56 11.24 -19.96
CA ILE A 149 -4.11 11.21 -19.86
C ILE A 149 -3.59 12.43 -19.10
N GLU A 150 -4.27 13.57 -19.23
CA GLU A 150 -3.84 14.76 -18.52
C GLU A 150 -4.09 14.64 -17.01
N ASN A 151 -5.22 14.03 -16.63
CA ASN A 151 -5.50 13.88 -15.21
C ASN A 151 -4.52 12.89 -14.60
N MET A 152 -4.14 11.87 -15.37
CA MET A 152 -3.17 10.89 -14.87
C MET A 152 -1.79 11.53 -14.79
N ARG A 153 -1.46 12.37 -15.77
CA ARG A 153 -0.16 13.04 -15.75
C ARG A 153 -0.06 13.89 -14.49
N ASN A 154 -1.16 14.54 -14.12
CA ASN A 154 -1.18 15.36 -12.93
C ASN A 154 -0.96 14.49 -11.69
N LEU A 155 -1.60 13.32 -11.65
CA LEU A 155 -1.43 12.44 -10.51
C LEU A 155 0.02 11.97 -10.40
N LEU A 156 0.61 11.58 -11.53
CA LEU A 156 1.99 11.14 -11.52
C LEU A 156 2.90 12.27 -11.03
N ASP A 157 2.56 13.51 -11.41
CA ASP A 157 3.34 14.67 -10.97
C ASP A 157 3.21 14.82 -9.46
N ILE A 158 2.01 14.55 -8.95
CA ILE A 158 1.75 14.65 -7.52
C ILE A 158 2.55 13.61 -6.74
N PHE A 159 2.69 12.43 -7.32
CA PHE A 159 3.43 11.34 -6.68
C PHE A 159 4.95 11.48 -6.76
N ALA A 160 5.43 12.03 -7.86
CA ALA A 160 6.87 12.15 -8.08
C ALA A 160 7.55 13.40 -7.57
N TYR A 161 8.81 13.23 -7.19
CA TYR A 161 9.65 14.34 -6.74
C TYR A 161 10.29 14.84 -8.03
N ASP A 162 10.83 13.90 -8.81
CA ASP A 162 11.48 14.20 -10.07
C ASP A 162 10.47 14.04 -11.20
N ARG A 163 9.91 15.15 -11.65
CA ARG A 163 8.90 15.10 -12.71
C ARG A 163 9.42 14.59 -14.04
N SER A 164 10.73 14.55 -14.22
CA SER A 164 11.31 14.07 -15.47
C SER A 164 10.92 12.61 -15.67
N LEU A 165 10.54 11.94 -14.58
CA LEU A 165 10.13 10.54 -14.63
C LEU A 165 8.73 10.41 -15.21
N VAL A 166 8.00 11.50 -15.22
CA VAL A 166 6.64 11.49 -15.75
C VAL A 166 6.65 11.74 -17.25
N THR A 167 6.65 10.66 -18.00
CA THR A 167 6.67 10.73 -19.46
C THR A 167 5.28 10.54 -20.05
N ASP A 168 5.13 10.85 -21.33
CA ASP A 168 3.85 10.69 -22.01
C ASP A 168 3.50 9.21 -22.02
N GLU A 169 4.51 8.38 -22.22
CA GLU A 169 4.31 6.93 -22.27
C GLU A 169 3.78 6.42 -20.93
N LEU A 170 4.37 6.87 -19.84
CA LEU A 170 3.95 6.44 -18.52
C LEU A 170 2.52 6.91 -18.24
N ALA A 171 2.22 8.16 -18.57
CA ALA A 171 0.88 8.68 -18.33
C ALA A 171 -0.13 7.86 -19.14
N ARG A 172 0.24 7.53 -20.38
CA ARG A 172 -0.61 6.76 -21.26
C ARG A 172 -0.86 5.36 -20.71
N LEU A 173 0.21 4.70 -20.26
CA LEU A 173 0.09 3.36 -19.72
C LEU A 173 -0.76 3.32 -18.46
N ARG A 174 -0.54 4.27 -17.55
CA ARG A 174 -1.32 4.28 -16.32
C ARG A 174 -2.77 4.67 -16.59
N TYR A 175 -2.98 5.53 -17.59
CA TYR A 175 -4.34 5.93 -17.96
C TYR A 175 -5.07 4.66 -18.42
N GLU A 176 -4.43 3.91 -19.31
CA GLU A 176 -5.03 2.68 -19.80
C GLU A 176 -5.33 1.70 -18.67
N ALA A 177 -4.45 1.63 -17.69
CA ALA A 177 -4.68 0.73 -16.57
C ALA A 177 -5.93 1.19 -15.80
N SER A 178 -6.10 2.51 -15.68
CA SER A 178 -7.23 3.07 -14.95
C SER A 178 -8.61 2.87 -15.58
N ILE A 179 -8.65 2.62 -16.90
CA ILE A 179 -9.93 2.45 -17.55
C ILE A 179 -10.30 1.00 -17.87
N GLN A 180 -9.57 0.04 -17.31
CA GLN A 180 -9.89 -1.35 -17.56
C GLN A 180 -11.29 -1.60 -17.01
N PRO A 181 -12.01 -2.58 -17.57
CA PRO A 181 -13.38 -2.90 -17.14
C PRO A 181 -13.60 -2.94 -15.63
N GLY A 182 -14.51 -2.08 -15.16
CA GLY A 182 -14.85 -2.04 -13.76
C GLY A 182 -13.92 -1.31 -12.81
N PHE A 183 -12.72 -1.00 -13.28
CA PHE A 183 -11.72 -0.32 -12.44
C PHE A 183 -12.14 1.03 -11.90
N GLN A 184 -12.46 1.97 -12.80
CA GLN A 184 -12.86 3.31 -12.39
C GLN A 184 -14.15 3.28 -11.60
N GLU A 185 -15.03 2.36 -11.96
CA GLU A 185 -16.32 2.22 -11.27
C GLU A 185 -16.14 1.88 -9.79
N SER A 186 -15.29 0.90 -9.49
CA SER A 186 -15.08 0.50 -8.10
C SER A 186 -14.26 1.56 -7.36
N PHE A 187 -13.23 2.08 -8.02
CA PHE A 187 -12.37 3.08 -7.40
C PHE A 187 -13.13 4.35 -7.02
N SER A 188 -13.94 4.86 -7.94
CA SER A 188 -14.69 6.08 -7.69
C SER A 188 -15.75 5.90 -6.59
N SER A 189 -16.14 4.67 -6.35
CA SER A 189 -17.15 4.37 -5.34
C SER A 189 -16.53 4.23 -3.95
N MET A 190 -15.22 4.03 -3.92
CA MET A 190 -14.51 3.82 -2.66
C MET A 190 -14.38 5.01 -1.73
N PHE A 191 -13.92 6.15 -2.26
CA PHE A 191 -13.67 7.31 -1.42
C PHE A 191 -14.39 8.59 -1.83
N PRO A 192 -15.73 8.57 -1.86
CA PRO A 192 -16.50 9.76 -2.25
C PRO A 192 -16.42 10.92 -1.27
N GLU A 193 -16.62 12.14 -1.79
CA GLU A 193 -16.59 13.35 -0.97
C GLU A 193 -17.67 13.32 0.10
N PRO A 194 -17.37 13.84 1.31
CA PRO A 194 -16.10 14.43 1.74
C PRO A 194 -15.09 13.34 2.04
N ARG A 195 -13.88 13.47 1.50
CA ARG A 195 -12.87 12.44 1.67
C ARG A 195 -12.15 12.34 3.02
N GLN A 196 -12.32 13.35 3.89
CA GLN A 196 -11.68 13.30 5.20
C GLN A 196 -12.21 12.07 5.95
N ARG A 197 -13.46 11.73 5.67
CA ARG A 197 -14.10 10.57 6.31
C ARG A 197 -13.31 9.28 6.13
N TRP A 198 -12.73 9.11 4.95
CA TRP A 198 -11.98 7.90 4.64
C TRP A 198 -10.57 7.88 5.21
N ILE A 199 -9.97 9.06 5.36
CA ILE A 199 -8.66 9.13 5.99
C ILE A 199 -8.88 8.67 7.43
N ASP A 200 -9.91 9.23 8.05
CA ASP A 200 -10.26 8.90 9.43
C ASP A 200 -10.63 7.42 9.60
N ALA A 201 -11.40 6.88 8.67
CA ALA A 201 -11.81 5.48 8.73
C ALA A 201 -10.63 4.51 8.61
N LEU A 202 -9.64 4.91 7.81
CA LEU A 202 -8.45 4.08 7.61
C LEU A 202 -7.48 4.21 8.78
N ALA A 203 -7.66 5.25 9.59
CA ALA A 203 -6.76 5.48 10.71
C ALA A 203 -7.06 4.61 11.92
N SER A 204 -6.07 4.50 12.81
CA SER A 204 -6.21 3.76 14.05
C SER A 204 -5.98 4.80 15.13
N SER A 205 -6.57 4.61 16.31
CA SER A 205 -6.41 5.57 17.39
C SER A 205 -5.01 5.58 17.99
N ASP A 206 -4.61 6.72 18.53
CA ASP A 206 -3.30 6.85 19.15
C ASP A 206 -3.14 5.77 20.21
N GLU A 207 -4.19 5.62 21.02
CA GLU A 207 -4.19 4.65 22.10
C GLU A 207 -3.91 3.24 21.59
N ASP A 208 -4.58 2.85 20.51
CA ASP A 208 -4.38 1.52 19.94
C ASP A 208 -2.98 1.36 19.34
N ILE A 209 -2.54 2.35 18.56
CA ILE A 209 -1.23 2.27 17.94
C ILE A 209 -0.13 2.12 18.98
N LYS A 210 -0.27 2.80 20.11
CA LYS A 210 0.72 2.71 21.18
C LYS A 210 0.88 1.31 21.73
N THR A 211 -0.11 0.45 21.51
CA THR A 211 -0.04 -0.92 22.02
C THR A 211 0.70 -1.89 21.11
N LEU A 212 1.03 -1.46 19.89
CA LEU A 212 1.73 -2.32 18.94
C LEU A 212 3.13 -2.71 19.44
N PRO A 213 3.37 -4.03 19.59
CA PRO A 213 4.65 -4.52 20.07
C PRO A 213 5.66 -4.82 18.97
N ASN A 214 5.20 -4.78 17.72
CA ASN A 214 6.04 -5.10 16.57
C ASN A 214 7.20 -4.17 16.26
N GLU A 215 8.33 -4.75 15.84
CA GLU A 215 9.47 -3.94 15.43
C GLU A 215 8.92 -3.31 14.16
N THR A 216 9.03 -1.99 14.04
CA THR A 216 8.47 -1.31 12.89
C THR A 216 9.44 -0.34 12.22
N LEU A 217 9.37 -0.27 10.90
CA LEU A 217 10.21 0.64 10.12
C LEU A 217 9.27 1.57 9.36
N ILE A 218 9.29 2.85 9.71
CA ILE A 218 8.44 3.84 9.07
C ILE A 218 9.26 4.58 8.02
N ILE A 219 8.76 4.62 6.79
CA ILE A 219 9.47 5.28 5.70
C ILE A 219 8.60 6.37 5.08
N HIS A 220 9.19 7.51 4.75
CA HIS A 220 8.42 8.60 4.18
C HIS A 220 9.28 9.48 3.27
N GLY A 221 8.70 9.96 2.18
CA GLY A 221 9.42 10.83 1.27
C GLY A 221 9.22 12.25 1.76
N ARG A 222 10.32 12.98 1.96
CA ARG A 222 10.23 14.35 2.46
C ARG A 222 9.21 15.21 1.71
N GLU A 223 9.25 15.10 0.39
CA GLU A 223 8.36 15.89 -0.46
C GLU A 223 6.99 15.27 -0.76
N ASP A 224 6.62 14.22 -0.03
CA ASP A 224 5.33 13.55 -0.23
C ASP A 224 4.21 14.59 -0.25
N GLN A 225 3.50 14.67 -1.37
CA GLN A 225 2.40 15.62 -1.55
C GLN A 225 1.04 15.04 -1.19
N VAL A 226 0.99 13.72 -0.97
CA VAL A 226 -0.26 13.05 -0.66
C VAL A 226 -0.48 12.93 0.84
N VAL A 227 0.52 12.41 1.55
CA VAL A 227 0.46 12.28 2.99
C VAL A 227 1.60 13.13 3.56
N PRO A 228 1.28 14.07 4.47
CA PRO A 228 2.30 14.93 5.07
C PRO A 228 3.29 14.14 5.92
N LEU A 229 4.54 14.59 5.92
CA LEU A 229 5.59 13.94 6.70
C LEU A 229 5.19 13.86 8.17
N SER A 230 4.48 14.89 8.63
CA SER A 230 4.04 14.96 10.02
C SER A 230 3.26 13.72 10.46
N SER A 231 2.58 13.07 9.52
CA SER A 231 1.82 11.87 9.84
C SER A 231 2.76 10.74 10.23
N SER A 232 3.84 10.56 9.47
CA SER A 232 4.78 9.49 9.80
C SER A 232 5.58 9.83 11.04
N LEU A 233 5.83 11.11 11.27
CA LEU A 233 6.55 11.52 12.47
C LEU A 233 5.69 11.14 13.66
N ARG A 234 4.39 11.31 13.52
CA ARG A 234 3.46 10.96 14.59
C ARG A 234 3.50 9.46 14.84
N LEU A 235 3.52 8.66 13.76
CA LEU A 235 3.59 7.21 13.93
C LEU A 235 4.91 6.84 14.59
N GLY A 236 5.95 7.60 14.29
CA GLY A 236 7.27 7.34 14.86
C GLY A 236 7.35 7.61 16.35
N GLU A 237 6.43 8.42 16.85
CA GLU A 237 6.39 8.75 18.27
C GLU A 237 5.45 7.79 19.02
N LEU A 238 4.42 7.31 18.32
CA LEU A 238 3.44 6.41 18.91
C LEU A 238 3.91 4.95 19.04
N ILE A 239 4.54 4.43 17.99
CA ILE A 239 5.02 3.05 18.02
C ILE A 239 6.33 2.95 18.77
N ASP A 240 6.37 2.11 19.80
CA ASP A 240 7.56 1.97 20.62
C ASP A 240 8.82 1.47 19.90
N ARG A 241 8.75 0.27 19.32
CA ARG A 241 9.92 -0.27 18.62
C ARG A 241 9.94 0.19 17.17
N ALA A 242 10.00 1.50 16.99
CA ALA A 242 10.00 2.07 15.65
C ALA A 242 11.26 2.82 15.25
N GLN A 243 11.52 2.82 13.96
CA GLN A 243 12.62 3.56 13.37
C GLN A 243 11.91 4.35 12.29
N LEU A 244 12.35 5.59 12.06
CA LEU A 244 11.77 6.41 11.02
C LEU A 244 12.87 6.78 10.04
N HIS A 245 12.61 6.58 8.75
CA HIS A 245 13.60 6.92 7.75
C HIS A 245 12.93 7.82 6.72
N VAL A 246 13.41 9.06 6.64
CA VAL A 246 12.88 10.03 5.70
C VAL A 246 13.86 10.23 4.55
N PHE A 247 13.37 10.01 3.33
CA PHE A 247 14.20 10.18 2.14
C PHE A 247 13.99 11.57 1.56
N GLY A 248 15.07 12.34 1.47
CA GLY A 248 14.95 13.67 0.87
C GLY A 248 14.86 13.45 -0.62
N ARG A 249 14.33 14.43 -1.35
CA ARG A 249 14.20 14.30 -2.81
C ARG A 249 13.44 13.01 -3.14
N CYS A 250 12.28 12.84 -2.51
CA CYS A 250 11.48 11.65 -2.72
C CYS A 250 10.00 11.98 -2.50
N GLY A 251 9.16 11.45 -3.38
CA GLY A 251 7.72 11.69 -3.29
C GLY A 251 6.95 10.65 -2.51
N HIS A 252 5.71 10.44 -2.91
CA HIS A 252 4.82 9.50 -2.23
C HIS A 252 5.23 8.04 -2.32
N TRP A 253 5.72 7.59 -3.48
CA TRP A 253 6.13 6.20 -3.63
C TRP A 253 7.64 5.99 -3.50
N THR A 254 8.06 5.85 -2.24
CA THR A 254 9.45 5.65 -1.89
C THR A 254 10.10 4.43 -2.53
N GLN A 255 9.32 3.38 -2.78
CA GLN A 255 9.87 2.16 -3.36
C GLN A 255 10.23 2.33 -4.83
N ILE A 256 9.71 3.38 -5.46
CA ILE A 256 9.98 3.64 -6.87
C ILE A 256 11.09 4.68 -7.09
N GLU A 257 11.05 5.78 -6.35
CA GLU A 257 12.05 6.83 -6.51
C GLU A 257 13.35 6.63 -5.74
N GLN A 258 13.33 5.78 -4.73
CA GLN A 258 14.53 5.49 -3.94
C GLN A 258 14.60 3.98 -3.82
N THR A 259 14.35 3.31 -4.94
CA THR A 259 14.34 1.86 -5.03
C THR A 259 15.47 1.10 -4.34
N ASP A 260 16.71 1.35 -4.75
CA ASP A 260 17.83 0.62 -4.16
C ASP A 260 18.00 0.87 -2.67
N ARG A 261 17.87 2.13 -2.25
CA ARG A 261 17.98 2.45 -0.83
C ARG A 261 16.87 1.78 -0.05
N PHE A 262 15.67 1.81 -0.63
CA PHE A 262 14.49 1.21 0.00
C PHE A 262 14.66 -0.30 0.18
N ASN A 263 15.01 -0.99 -0.91
CA ASN A 263 15.19 -2.43 -0.84
C ASN A 263 16.24 -2.84 0.18
N ARG A 264 17.36 -2.13 0.18
CA ARG A 264 18.45 -2.43 1.12
C ARG A 264 17.98 -2.27 2.57
N LEU A 265 17.30 -1.15 2.83
CA LEU A 265 16.80 -0.85 4.16
C LEU A 265 15.81 -1.91 4.65
N VAL A 266 14.90 -2.31 3.78
CA VAL A 266 13.89 -3.29 4.13
C VAL A 266 14.47 -4.70 4.34
N VAL A 267 15.34 -5.14 3.45
CA VAL A 267 15.95 -6.46 3.59
C VAL A 267 16.75 -6.57 4.89
N GLU A 268 17.54 -5.54 5.19
CA GLU A 268 18.35 -5.57 6.41
C GLU A 268 17.47 -5.53 7.65
N PHE A 269 16.37 -4.79 7.55
CA PHE A 269 15.42 -4.69 8.66
C PHE A 269 14.87 -6.09 8.96
N PHE A 270 14.43 -6.80 7.93
CA PHE A 270 13.90 -8.15 8.12
C PHE A 270 15.00 -9.14 8.51
N ASN A 271 16.21 -8.93 7.99
CA ASN A 271 17.33 -9.81 8.29
C ASN A 271 17.64 -9.89 9.78
N GLU A 272 17.34 -8.82 10.51
CA GLU A 272 17.61 -8.77 11.94
C GLU A 272 16.84 -9.86 12.69
N ALA A 273 15.63 -10.16 12.21
CA ALA A 273 14.79 -11.18 12.83
C ALA A 273 15.36 -12.57 12.55
CA IVA B . -3.87 7.28 0.19
CB IVA B . -3.79 6.93 1.69
CG1 IVA B . -4.78 7.82 2.47
CG2 IVA B . -2.37 7.17 2.25
C IVA B . -2.90 6.41 -0.67
O IVA B . -1.89 6.97 -1.22
OXT IVA B . -3.11 5.15 -0.81
#